data_6SEY
#
_entry.id   6SEY
#
_cell.length_a   42.671
_cell.length_b   41.842
_cell.length_c   72.836
_cell.angle_alpha   90.000
_cell.angle_beta   104.681
_cell.angle_gamma   90.000
#
_symmetry.space_group_name_H-M   'P 1 21 1'
#
loop_
_entity.id
_entity.type
_entity.pdbx_description
1 polymer 'Carbonic anhydrase 2'
2 non-polymer 'ZINC ION'
3 non-polymer 'MERCURY (II) ION'
4 non-polymer (4-CARBOXYPHENYL)(CHLORO)MERCURY
5 non-polymer beta-D-glucopyranose
6 non-polymer alpha-D-glucopyranose
7 non-polymer 4-(4-oxidanylbutyl)benzenesulfonamide
8 water water
#
_entity_poly.entity_id   1
_entity_poly.type   'polypeptide(L)'
_entity_poly.pdbx_seq_one_letter_code
;GSPEFMSHHWGYGKHNGPEHWHKDFPIAKGERQSPVDIDTHTAKYDPSLKPLSVSYDQATSLRILNNGHAFNVEFDDSQD
KAVLKGGPLDGTYRLIQFHFHWGSLDGQGSEHTVDKKKYAAELHLVHWNTKYGDFGKAVQQPDGLAVLGIFLKVGSAKPG
LQKVVDVLDSIKTKGKSADFTNFDPRGLLPESLDYWTYPGSLTTPPLLECVTWIVLKEPISVSSEQVLKFRKLNFNGEGE
PEELMVDNWRPAQPLKNRQIKASFK
;
_entity_poly.pdbx_strand_id   A
#
loop_
_chem_comp.id
_chem_comp.type
_chem_comp.name
_chem_comp.formula
BE7 non-polymer (4-CARBOXYPHENYL)(CHLORO)MERCURY 'C7 H5 Cl Hg O2'
BGC D-saccharide, beta linking beta-D-glucopyranose 'C6 H12 O6'
GLC D-saccharide, alpha linking alpha-D-glucopyranose 'C6 H12 O6'
HG non-polymer 'MERCURY (II) ION' 'Hg 2'
L9B non-polymer 4-(4-oxidanylbutyl)benzenesulfonamide 'C10 H15 N O3 S'
ZN non-polymer 'ZINC ION' 'Zn 2'
#
# COMPACT_ATOMS: atom_id res chain seq x y z
N HIS A 9 6.49 12.10 17.68
CA HIS A 9 5.69 10.99 17.16
C HIS A 9 6.46 10.10 16.18
N TRP A 10 5.77 9.11 15.64
CA TRP A 10 6.45 8.06 14.90
C TRP A 10 6.85 8.56 13.52
N GLY A 11 7.89 7.94 12.96
CA GLY A 11 8.30 8.24 11.61
C GLY A 11 9.20 7.16 11.05
N TYR A 12 10.20 7.57 10.26
CA TYR A 12 11.08 6.62 9.59
C TYR A 12 12.57 6.86 9.86
N GLY A 13 12.92 7.81 10.72
CA GLY A 13 14.30 8.10 11.00
C GLY A 13 14.91 7.17 12.05
N LYS A 14 16.19 7.41 12.34
CA LYS A 14 16.90 6.60 13.31
C LYS A 14 16.26 6.66 14.68
N HIS A 15 15.68 7.81 15.04
CA HIS A 15 15.19 8.00 16.40
C HIS A 15 13.69 7.78 16.55
N ASN A 16 12.95 7.58 15.45
CA ASN A 16 11.51 7.36 15.58
C ASN A 16 10.99 6.33 14.57
N GLY A 17 11.87 5.54 13.97
CA GLY A 17 11.53 4.63 12.90
C GLY A 17 11.02 3.28 13.39
N PRO A 18 10.89 2.34 12.44
CA PRO A 18 10.25 1.04 12.73
C PRO A 18 10.78 0.31 13.94
N GLU A 19 12.06 0.45 14.30
CA GLU A 19 12.61 -0.23 15.47
C GLU A 19 12.11 0.36 16.79
N HIS A 20 11.53 1.55 16.78
CA HIS A 20 11.01 2.20 17.98
C HIS A 20 9.51 2.07 18.14
N TRP A 21 8.79 1.68 17.09
CA TRP A 21 7.32 1.75 17.11
C TRP A 21 6.72 0.91 18.22
N HIS A 22 7.33 -0.24 18.55
CA HIS A 22 6.72 -1.12 19.54
C HIS A 22 6.53 -0.47 20.90
N LYS A 23 7.30 0.57 21.23
CA LYS A 23 7.20 1.18 22.56
C LYS A 23 5.88 1.92 22.76
N ASP A 24 5.26 2.41 21.70
CA ASP A 24 3.92 3.00 21.79
C ASP A 24 2.83 2.18 21.13
N PHE A 25 3.21 1.20 20.30
CA PHE A 25 2.27 0.36 19.57
C PHE A 25 2.73 -1.09 19.76
N PRO A 26 2.42 -1.69 20.92
CA PRO A 26 3.00 -3.03 21.22
C PRO A 26 2.59 -4.12 20.24
N ILE A 27 1.49 -3.95 19.49
N ILE A 27 1.50 -3.94 19.49
CA ILE A 27 1.11 -4.89 18.45
CA ILE A 27 1.12 -4.89 18.46
C ILE A 27 2.17 -4.99 17.35
C ILE A 27 2.17 -4.99 17.35
N ALA A 28 3.15 -4.08 17.34
CA ALA A 28 4.24 -4.18 16.38
C ALA A 28 4.96 -5.52 16.44
N LYS A 29 4.91 -6.20 17.59
CA LYS A 29 5.50 -7.52 17.76
C LYS A 29 4.44 -8.63 17.74
N GLY A 30 3.31 -8.39 17.09
CA GLY A 30 2.18 -9.30 17.10
C GLY A 30 2.34 -10.47 16.15
N GLU A 31 1.26 -11.24 16.05
CA GLU A 31 1.28 -12.52 15.33
C GLU A 31 0.89 -12.40 13.86
N ARG A 32 0.43 -11.25 13.39
CA ARG A 32 0.08 -11.12 11.97
C ARG A 32 0.47 -9.74 11.43
N GLN A 33 1.74 -9.40 11.60
CA GLN A 33 2.25 -8.12 11.16
C GLN A 33 2.69 -8.14 9.68
N SER A 34 2.63 -6.96 9.07
CA SER A 34 3.00 -6.73 7.69
C SER A 34 4.03 -5.60 7.59
N PRO A 35 4.82 -5.55 6.49
CA PRO A 35 4.85 -6.49 5.38
C PRO A 35 5.61 -7.77 5.72
N VAL A 36 5.68 -8.69 4.75
CA VAL A 36 6.41 -9.94 4.87
C VAL A 36 7.18 -10.16 3.57
N ASP A 37 8.20 -11.01 3.66
CA ASP A 37 8.82 -11.55 2.46
C ASP A 37 7.93 -12.63 1.87
N ILE A 38 7.73 -12.58 0.56
CA ILE A 38 6.95 -13.56 -0.18
C ILE A 38 7.95 -14.55 -0.77
N ASP A 39 8.07 -15.72 -0.14
N ASP A 39 8.04 -15.74 -0.18
CA ASP A 39 8.85 -16.83 -0.69
CA ASP A 39 8.90 -16.79 -0.71
C ASP A 39 7.99 -17.49 -1.76
C ASP A 39 8.09 -17.56 -1.75
N THR A 40 8.38 -17.28 -3.03
CA THR A 40 7.54 -17.74 -4.13
C THR A 40 7.53 -19.25 -4.24
N HIS A 41 8.57 -19.93 -3.78
N HIS A 41 8.55 -19.92 -3.70
CA HIS A 41 8.57 -21.39 -3.88
CA HIS A 41 8.71 -21.37 -3.72
C HIS A 41 7.67 -22.03 -2.84
C HIS A 41 8.02 -22.07 -2.55
N THR A 42 7.54 -21.40 -1.66
N THR A 42 7.44 -21.32 -1.61
CA THR A 42 6.68 -21.90 -0.59
CA THR A 42 6.64 -21.89 -0.55
C THR A 42 5.21 -21.56 -0.81
C THR A 42 5.20 -21.41 -0.59
N ALA A 43 4.90 -20.40 -1.41
CA ALA A 43 3.52 -20.03 -1.66
C ALA A 43 2.84 -21.12 -2.49
N LYS A 44 1.59 -21.43 -2.17
CA LYS A 44 0.87 -22.52 -2.81
C LYS A 44 -0.35 -22.00 -3.58
N TYR A 45 -0.55 -22.51 -4.79
CA TYR A 45 -1.78 -22.23 -5.53
C TYR A 45 -2.99 -22.66 -4.69
N ASP A 46 -4.01 -21.82 -4.66
CA ASP A 46 -5.23 -22.10 -3.90
C ASP A 46 -6.42 -22.15 -4.84
N PRO A 47 -6.90 -23.34 -5.20
CA PRO A 47 -8.06 -23.43 -6.11
C PRO A 47 -9.36 -22.89 -5.54
N SER A 48 -9.43 -22.64 -4.23
CA SER A 48 -10.65 -22.11 -3.64
C SER A 48 -10.79 -20.59 -3.81
N LEU A 49 -9.75 -19.89 -4.25
CA LEU A 49 -9.87 -18.46 -4.49
C LEU A 49 -10.80 -18.23 -5.68
N LYS A 50 -11.75 -17.31 -5.52
CA LYS A 50 -12.65 -16.93 -6.60
C LYS A 50 -11.99 -15.87 -7.48
N PRO A 51 -12.51 -15.62 -8.67
CA PRO A 51 -11.93 -14.58 -9.52
C PRO A 51 -11.92 -13.22 -8.81
N LEU A 52 -10.81 -12.49 -8.95
CA LEU A 52 -10.69 -11.15 -8.38
C LEU A 52 -11.33 -10.13 -9.30
N SER A 53 -12.07 -9.19 -8.71
CA SER A 53 -12.80 -8.16 -9.43
C SER A 53 -12.39 -6.80 -8.90
N VAL A 54 -11.67 -6.05 -9.73
CA VAL A 54 -11.32 -4.65 -9.44
C VAL A 54 -12.29 -3.81 -10.26
N SER A 55 -13.21 -3.11 -9.60
CA SER A 55 -14.28 -2.36 -10.27
C SER A 55 -14.14 -0.89 -9.94
N TYR A 56 -13.32 -0.18 -10.72
CA TYR A 56 -12.97 1.21 -10.45
C TYR A 56 -13.59 2.18 -11.47
N ASP A 57 -14.49 1.73 -12.34
CA ASP A 57 -15.01 2.56 -13.43
C ASP A 57 -15.65 3.87 -12.93
N GLN A 58 -16.33 3.84 -11.79
CA GLN A 58 -17.03 5.02 -11.29
C GLN A 58 -16.30 5.71 -10.13
N ALA A 59 -15.00 5.48 -9.99
CA ALA A 59 -14.25 6.07 -8.90
C ALA A 59 -14.34 7.60 -8.93
N THR A 60 -14.42 8.21 -7.75
CA THR A 60 -14.46 9.66 -7.60
C THR A 60 -13.32 10.08 -6.68
N SER A 61 -12.19 10.47 -7.26
CA SER A 61 -11.11 11.04 -6.47
C SER A 61 -11.47 12.46 -6.05
N LEU A 62 -10.91 12.89 -4.91
CA LEU A 62 -11.24 14.20 -4.37
C LEU A 62 -10.03 15.10 -4.17
N ARG A 63 -8.98 14.60 -3.52
CA ARG A 63 -7.96 15.46 -2.95
C ARG A 63 -6.68 14.65 -2.79
N ILE A 64 -5.55 15.33 -2.81
CA ILE A 64 -4.25 14.73 -2.49
C ILE A 64 -3.64 15.51 -1.32
N LEU A 65 -3.09 14.77 -0.34
CA LEU A 65 -2.66 15.33 0.95
C LEU A 65 -1.26 14.80 1.29
N ASN A 66 -0.35 15.68 1.70
CA ASN A 66 0.92 15.28 2.32
C ASN A 66 0.66 15.19 3.83
N ASN A 67 0.70 13.97 4.38
CA ASN A 67 0.42 13.77 5.80
C ASN A 67 1.68 13.65 6.65
N GLY A 68 2.85 13.99 6.11
CA GLY A 68 4.08 13.92 6.87
C GLY A 68 4.75 12.58 6.86
N HIS A 69 4.12 11.56 6.31
N HIS A 69 4.12 11.54 6.28
CA HIS A 69 4.67 10.23 6.15
CA HIS A 69 4.73 10.23 6.14
C HIS A 69 4.73 9.82 4.68
C HIS A 69 4.58 9.62 4.74
N ALA A 70 3.66 10.10 3.94
CA ALA A 70 3.54 9.83 2.52
C ALA A 70 2.56 10.88 1.97
N PHE A 71 2.05 10.68 0.76
CA PHE A 71 0.90 11.43 0.26
C PHE A 71 -0.25 10.46 -0.01
N ASN A 72 -1.46 10.88 0.33
CA ASN A 72 -2.66 10.08 0.08
C ASN A 72 -3.52 10.75 -0.96
N VAL A 73 -3.98 9.97 -1.95
CA VAL A 73 -5.05 10.39 -2.85
C VAL A 73 -6.35 9.81 -2.29
N GLU A 74 -7.28 10.68 -1.92
CA GLU A 74 -8.51 10.32 -1.23
C GLU A 74 -9.67 10.24 -2.22
N PHE A 75 -10.59 9.30 -1.93
CA PHE A 75 -11.77 9.04 -2.76
C PHE A 75 -13.06 9.24 -1.96
N ASP A 76 -14.14 9.55 -2.70
CA ASP A 76 -15.49 9.54 -2.13
C ASP A 76 -15.90 8.09 -1.88
N ASP A 77 -16.03 7.72 -0.61
CA ASP A 77 -16.45 6.39 -0.21
C ASP A 77 -17.82 6.42 0.49
N SER A 78 -18.67 7.38 0.13
CA SER A 78 -20.01 7.49 0.70
C SER A 78 -21.01 6.54 0.06
N GLN A 79 -20.61 5.85 -1.02
CA GLN A 79 -21.43 4.88 -1.74
C GLN A 79 -20.46 3.96 -2.46
N ASP A 80 -21.00 2.87 -3.02
N ASP A 80 -21.00 2.86 -3.00
CA ASP A 80 -20.19 1.78 -3.59
CA ASP A 80 -20.21 1.94 -3.82
C ASP A 80 -19.72 2.11 -5.02
C ASP A 80 -19.95 2.60 -5.17
N LYS A 81 -18.98 3.20 -5.12
N LYS A 81 -18.73 3.07 -5.36
CA LYS A 81 -18.38 3.52 -6.41
CA LYS A 81 -18.31 3.73 -6.59
C LYS A 81 -17.30 2.51 -6.74
C LYS A 81 -17.02 3.16 -7.15
N ALA A 82 -16.09 2.77 -6.29
CA ALA A 82 -14.92 1.98 -6.65
C ALA A 82 -14.78 0.89 -5.60
N VAL A 83 -14.83 -0.38 -6.02
CA VAL A 83 -14.84 -1.50 -5.08
C VAL A 83 -13.94 -2.62 -5.55
N LEU A 84 -13.53 -3.44 -4.59
CA LEU A 84 -12.78 -4.67 -4.78
C LEU A 84 -13.60 -5.82 -4.23
N LYS A 85 -13.74 -6.89 -5.01
CA LYS A 85 -14.50 -8.06 -4.63
C LYS A 85 -13.78 -9.31 -5.15
N GLY A 86 -14.23 -10.48 -4.68
CA GLY A 86 -13.70 -11.73 -5.20
C GLY A 86 -12.35 -12.08 -4.59
N GLY A 87 -11.65 -13.00 -5.25
CA GLY A 87 -10.40 -13.48 -4.71
C GLY A 87 -10.61 -14.11 -3.36
N PRO A 88 -9.82 -13.71 -2.35
CA PRO A 88 -10.01 -14.24 -1.01
C PRO A 88 -11.12 -13.54 -0.23
N LEU A 89 -11.77 -12.54 -0.81
CA LEU A 89 -12.64 -11.64 -0.05
C LEU A 89 -14.08 -12.13 0.00
N ASP A 90 -14.68 -11.99 1.17
CA ASP A 90 -16.11 -12.20 1.42
C ASP A 90 -16.76 -10.82 1.44
N GLY A 91 -17.61 -10.54 0.46
CA GLY A 91 -18.33 -9.28 0.41
C GLY A 91 -17.62 -8.21 -0.39
N THR A 92 -18.00 -6.96 -0.11
CA THR A 92 -17.60 -5.82 -0.92
C THR A 92 -16.71 -4.89 -0.10
N TYR A 93 -15.60 -4.46 -0.69
CA TYR A 93 -14.66 -3.56 -0.05
C TYR A 93 -14.53 -2.28 -0.87
N ARG A 94 -14.73 -1.13 -0.23
N ARG A 94 -14.78 -1.13 -0.23
CA ARG A 94 -14.82 0.16 -0.90
CA ARG A 94 -14.80 0.16 -0.90
C ARG A 94 -13.48 0.89 -0.83
C ARG A 94 -13.44 0.84 -0.84
N LEU A 95 -13.02 1.41 -1.97
CA LEU A 95 -11.77 2.18 -2.02
C LEU A 95 -11.92 3.50 -1.28
N ILE A 96 -10.98 3.78 -0.37
CA ILE A 96 -10.96 5.03 0.39
C ILE A 96 -9.76 5.91 0.04
N GLN A 97 -8.59 5.33 -0.22
CA GLN A 97 -7.41 6.13 -0.56
C GLN A 97 -6.35 5.21 -1.17
N PHE A 98 -5.39 5.82 -1.88
CA PHE A 98 -4.14 5.14 -2.18
C PHE A 98 -2.95 6.02 -1.81
N HIS A 99 -1.81 5.36 -1.62
CA HIS A 99 -0.54 6.01 -1.30
C HIS A 99 0.58 5.06 -1.72
N PHE A 100 1.82 5.56 -1.61
CA PHE A 100 3.01 4.81 -1.97
C PHE A 100 4.01 4.80 -0.80
N HIS A 101 4.95 3.85 -0.89
CA HIS A 101 6.18 3.81 -0.10
C HIS A 101 7.34 3.72 -1.07
N TRP A 102 8.44 4.42 -0.80
CA TRP A 102 9.54 4.46 -1.75
C TRP A 102 10.88 4.70 -1.04
N GLY A 103 11.96 4.54 -1.81
CA GLY A 103 13.31 4.61 -1.29
C GLY A 103 14.07 5.88 -1.66
N SER A 104 15.28 5.98 -1.10
CA SER A 104 16.23 7.03 -1.47
C SER A 104 16.99 6.72 -2.75
N LEU A 105 17.01 5.44 -3.16
CA LEU A 105 17.67 4.94 -4.37
C LEU A 105 16.80 3.82 -4.91
N ASP A 106 17.01 3.45 -6.18
CA ASP A 106 16.11 2.51 -6.84
C ASP A 106 16.15 1.10 -6.25
N GLY A 107 17.22 0.73 -5.55
CA GLY A 107 17.39 -0.61 -4.99
C GLY A 107 16.62 -0.92 -3.72
N GLN A 108 15.85 0.04 -3.21
N GLN A 108 15.81 0.04 -3.25
CA GLN A 108 14.99 -0.22 -2.06
CA GLN A 108 15.04 -0.14 -2.03
C GLN A 108 13.80 0.72 -2.12
C GLN A 108 13.79 0.73 -2.12
N GLY A 109 12.80 0.41 -1.30
CA GLY A 109 11.60 1.23 -1.24
C GLY A 109 10.32 0.44 -1.04
N SER A 110 10.24 -0.79 -1.54
CA SER A 110 9.06 -1.59 -1.30
C SER A 110 9.01 -2.10 0.13
N GLU A 111 7.80 -2.44 0.57
CA GLU A 111 7.57 -3.00 1.91
C GLU A 111 7.57 -4.53 1.82
N HIS A 112 6.68 -5.11 1.01
CA HIS A 112 6.80 -6.51 0.68
C HIS A 112 8.06 -6.72 -0.18
N THR A 113 8.64 -7.92 -0.06
CA THR A 113 9.75 -8.35 -0.89
C THR A 113 9.37 -9.68 -1.53
N VAL A 114 10.04 -10.02 -2.63
CA VAL A 114 9.74 -11.22 -3.40
C VAL A 114 11.04 -12.02 -3.46
N ASP A 115 11.09 -13.15 -2.76
CA ASP A 115 12.34 -13.91 -2.63
C ASP A 115 13.48 -12.99 -2.19
N LYS A 116 13.17 -12.10 -1.26
CA LYS A 116 14.05 -11.11 -0.63
C LYS A 116 14.36 -9.91 -1.53
N LYS A 117 13.94 -9.91 -2.80
N LYS A 117 13.91 -9.90 -2.79
CA LYS A 117 14.14 -8.77 -3.68
CA LYS A 117 14.19 -8.77 -3.67
C LYS A 117 13.30 -7.58 -3.21
C LYS A 117 13.30 -7.57 -3.31
N LYS A 118 13.95 -6.41 -3.14
CA LYS A 118 13.27 -5.15 -2.87
C LYS A 118 13.05 -4.41 -4.18
N TYR A 119 11.83 -3.90 -4.38
CA TYR A 119 11.51 -3.03 -5.52
C TYR A 119 11.74 -1.55 -5.14
N ALA A 120 11.69 -0.67 -6.16
CA ALA A 120 11.93 0.76 -5.94
C ALA A 120 10.80 1.43 -5.15
N ALA A 121 9.59 0.90 -5.23
CA ALA A 121 8.46 1.50 -4.51
C ALA A 121 7.31 0.49 -4.51
N GLU A 122 6.27 0.83 -3.74
CA GLU A 122 5.09 -0.03 -3.62
C GLU A 122 3.87 0.87 -3.46
N LEU A 123 2.84 0.60 -4.26
CA LEU A 123 1.56 1.29 -4.24
C LEU A 123 0.56 0.47 -3.42
N HIS A 124 -0.17 1.13 -2.52
CA HIS A 124 -1.20 0.53 -1.68
C HIS A 124 -2.54 1.21 -1.96
N LEU A 125 -3.50 0.44 -2.49
CA LEU A 125 -4.89 0.86 -2.67
C LEU A 125 -5.69 0.27 -1.51
N VAL A 126 -6.24 1.15 -0.66
CA VAL A 126 -6.80 0.78 0.63
C VAL A 126 -8.32 0.74 0.54
N HIS A 127 -8.92 -0.38 0.99
CA HIS A 127 -10.36 -0.60 0.91
C HIS A 127 -10.90 -1.09 2.24
N TRP A 128 -12.16 -0.74 2.57
CA TRP A 128 -12.80 -1.19 3.80
C TRP A 128 -14.07 -1.99 3.52
N ASN A 129 -14.33 -2.98 4.38
CA ASN A 129 -15.44 -3.91 4.23
C ASN A 129 -16.76 -3.23 4.58
N THR A 130 -17.67 -3.13 3.60
CA THR A 130 -18.88 -2.32 3.78
C THR A 130 -19.83 -2.89 4.82
N LYS A 131 -19.69 -4.17 5.17
CA LYS A 131 -20.58 -4.72 6.20
C LYS A 131 -20.40 -4.02 7.55
N TYR A 132 -19.28 -3.32 7.77
CA TYR A 132 -19.02 -2.63 9.02
C TYR A 132 -19.37 -1.14 8.98
N GLY A 133 -19.92 -0.63 7.88
CA GLY A 133 -20.51 0.69 7.86
C GLY A 133 -19.58 1.88 7.69
N ASP A 134 -18.42 1.89 8.36
CA ASP A 134 -17.43 2.96 8.20
C ASP A 134 -16.03 2.42 8.46
N PHE A 135 -15.04 3.18 7.98
CA PHE A 135 -13.64 2.75 8.11
C PHE A 135 -13.24 2.55 9.57
N GLY A 136 -13.69 3.43 10.46
CA GLY A 136 -13.32 3.32 11.86
C GLY A 136 -13.81 2.04 12.53
N LYS A 137 -15.03 1.61 12.20
N LYS A 137 -15.03 1.61 12.19
CA LYS A 137 -15.50 0.32 12.70
CA LYS A 137 -15.53 0.33 12.69
C LYS A 137 -14.78 -0.84 12.02
C LYS A 137 -14.82 -0.84 12.01
N ALA A 138 -14.46 -0.68 10.74
CA ALA A 138 -13.78 -1.75 10.02
C ALA A 138 -12.43 -2.09 10.66
N VAL A 139 -11.71 -1.09 11.18
CA VAL A 139 -10.40 -1.34 11.79
C VAL A 139 -10.53 -1.85 13.23
N GLN A 140 -11.71 -2.30 13.60
N GLN A 140 -11.72 -2.29 13.60
CA GLN A 140 -11.90 -3.08 14.82
CA GLN A 140 -11.94 -3.07 14.81
C GLN A 140 -12.29 -4.53 14.50
C GLN A 140 -12.16 -4.55 14.53
N GLN A 141 -12.08 -4.97 13.26
CA GLN A 141 -12.49 -6.29 12.81
C GLN A 141 -11.33 -7.03 12.15
N PRO A 142 -11.27 -8.37 12.31
CA PRO A 142 -10.18 -9.13 11.68
C PRO A 142 -10.22 -9.11 10.16
N ASP A 143 -11.38 -8.91 9.56
CA ASP A 143 -11.55 -8.83 8.10
C ASP A 143 -12.08 -7.46 7.70
N GLY A 144 -11.60 -6.41 8.37
CA GLY A 144 -12.11 -5.09 8.09
C GLY A 144 -11.59 -4.41 6.83
N LEU A 145 -10.34 -4.70 6.44
CA LEU A 145 -9.68 -4.00 5.35
C LEU A 145 -9.12 -4.97 4.31
N ALA A 146 -9.00 -4.49 3.08
CA ALA A 146 -8.27 -5.17 2.03
C ALA A 146 -7.36 -4.15 1.37
N VAL A 147 -6.07 -4.46 1.28
CA VAL A 147 -5.11 -3.59 0.62
C VAL A 147 -4.55 -4.32 -0.59
N LEU A 148 -4.69 -3.68 -1.76
CA LEU A 148 -4.13 -4.15 -3.01
C LEU A 148 -2.76 -3.50 -3.18
N GLY A 149 -1.72 -4.32 -3.18
CA GLY A 149 -0.33 -3.85 -3.27
C GLY A 149 0.24 -4.13 -4.65
N ILE A 150 0.95 -3.13 -5.19
CA ILE A 150 1.52 -3.19 -6.54
C ILE A 150 2.95 -2.68 -6.48
N PHE A 151 3.90 -3.49 -6.96
CA PHE A 151 5.31 -3.10 -6.97
C PHE A 151 5.60 -2.16 -8.14
N LEU A 152 6.54 -1.23 -7.90
CA LEU A 152 7.06 -0.33 -8.93
C LEU A 152 8.54 -0.65 -9.18
N LYS A 153 8.90 -0.83 -10.45
CA LYS A 153 10.29 -0.91 -10.87
C LYS A 153 10.57 0.25 -11.82
N VAL A 154 11.85 0.60 -11.97
CA VAL A 154 12.23 1.76 -12.77
C VAL A 154 12.60 1.29 -14.18
N GLY A 155 11.92 1.87 -15.16
CA GLY A 155 12.17 1.58 -16.56
C GLY A 155 11.45 2.62 -17.41
N SER A 156 10.46 2.18 -18.19
N SER A 156 10.49 2.19 -18.21
CA SER A 156 9.65 3.10 -18.96
CA SER A 156 9.67 3.12 -18.97
C SER A 156 8.68 3.87 -18.06
C SER A 156 8.68 3.87 -18.08
N ALA A 157 8.30 5.07 -18.50
CA ALA A 157 7.35 5.89 -17.77
C ALA A 157 5.96 5.24 -17.74
N LYS A 158 5.23 5.49 -16.65
CA LYS A 158 3.85 5.07 -16.48
C LYS A 158 2.94 6.24 -16.77
N PRO A 159 2.23 6.29 -17.91
CA PRO A 159 1.45 7.50 -18.23
C PRO A 159 0.40 7.81 -17.18
N GLY A 160 -0.24 6.79 -16.62
CA GLY A 160 -1.29 7.00 -15.65
C GLY A 160 -0.81 7.48 -14.28
N LEU A 161 0.50 7.55 -14.07
CA LEU A 161 1.08 8.13 -12.86
C LEU A 161 1.43 9.62 -13.03
N GLN A 162 1.51 10.12 -14.26
CA GLN A 162 2.10 11.44 -14.45
C GLN A 162 1.28 12.55 -13.81
N LYS A 163 -0.05 12.45 -13.77
CA LYS A 163 -0.84 13.49 -13.10
C LYS A 163 -0.49 13.59 -11.61
N VAL A 164 -0.20 12.46 -10.98
CA VAL A 164 0.22 12.46 -9.58
C VAL A 164 1.56 13.18 -9.45
N VAL A 165 2.53 12.79 -10.28
CA VAL A 165 3.87 13.38 -10.23
C VAL A 165 3.80 14.90 -10.36
N ASP A 166 2.96 15.38 -11.26
CA ASP A 166 2.98 16.80 -11.55
C ASP A 166 2.30 17.67 -10.51
N VAL A 167 1.49 17.10 -9.61
CA VAL A 167 0.88 17.89 -8.54
C VAL A 167 1.76 17.96 -7.29
N LEU A 168 2.81 17.13 -7.21
CA LEU A 168 3.56 17.02 -5.96
C LEU A 168 4.23 18.34 -5.55
N ASP A 169 4.59 19.19 -6.52
CA ASP A 169 5.16 20.49 -6.22
C ASP A 169 4.25 21.34 -5.34
N SER A 170 2.94 21.11 -5.41
CA SER A 170 1.97 21.92 -4.68
C SER A 170 1.66 21.37 -3.30
N ILE A 171 2.19 20.18 -2.94
CA ILE A 171 1.98 19.60 -1.61
C ILE A 171 3.32 19.19 -1.01
N LYS A 172 4.33 20.06 -1.11
CA LYS A 172 5.69 19.66 -0.77
C LYS A 172 5.84 19.30 0.70
N THR A 173 5.12 19.99 1.58
CA THR A 173 5.33 19.89 3.01
C THR A 173 4.10 19.34 3.74
N LYS A 174 4.36 18.81 4.93
CA LYS A 174 3.35 18.19 5.76
C LYS A 174 2.19 19.15 6.00
N GLY A 175 0.97 18.67 5.79
CA GLY A 175 -0.22 19.46 6.02
C GLY A 175 -0.80 20.11 4.78
N LYS A 176 -0.07 20.12 3.68
CA LYS A 176 -0.57 20.72 2.44
C LYS A 176 -1.43 19.72 1.68
N SER A 177 -2.48 20.23 1.03
CA SER A 177 -3.38 19.44 0.20
C SER A 177 -3.71 20.22 -1.06
N ALA A 178 -4.22 19.51 -2.07
CA ALA A 178 -4.67 20.11 -3.32
C ALA A 178 -5.85 19.33 -3.87
N ASP A 179 -6.70 20.01 -4.63
CA ASP A 179 -7.76 19.34 -5.35
C ASP A 179 -7.16 18.29 -6.27
N PHE A 180 -7.81 17.13 -6.34
CA PHE A 180 -7.31 16.06 -7.21
C PHE A 180 -8.49 15.26 -7.77
N THR A 181 -9.48 15.98 -8.32
CA THR A 181 -10.65 15.36 -8.90
C THR A 181 -10.35 14.76 -10.28
N ASN A 182 -11.23 13.84 -10.68
CA ASN A 182 -11.21 13.25 -12.03
C ASN A 182 -9.92 12.49 -12.33
N PHE A 183 -9.37 11.79 -11.33
CA PHE A 183 -8.23 10.91 -11.53
C PHE A 183 -8.70 9.45 -11.60
N ASP A 184 -8.21 8.70 -12.60
CA ASP A 184 -8.66 7.32 -12.82
C ASP A 184 -7.60 6.36 -12.28
N PRO A 185 -7.83 5.68 -11.15
CA PRO A 185 -6.80 4.78 -10.60
C PRO A 185 -6.54 3.54 -11.46
N ARG A 186 -7.39 3.26 -12.45
CA ARG A 186 -7.14 2.12 -13.32
C ARG A 186 -5.84 2.28 -14.10
N GLY A 187 -5.37 3.52 -14.28
CA GLY A 187 -4.11 3.75 -14.96
C GLY A 187 -2.88 3.38 -14.16
N LEU A 188 -3.04 2.90 -12.92
CA LEU A 188 -1.91 2.48 -12.10
C LEU A 188 -1.76 0.96 -12.05
N LEU A 189 -2.62 0.20 -12.70
CA LEU A 189 -2.58 -1.25 -12.63
C LEU A 189 -1.66 -1.84 -13.71
N PRO A 190 -1.07 -3.00 -13.44
CA PRO A 190 -0.40 -3.77 -14.51
C PRO A 190 -1.43 -4.52 -15.35
N GLU A 191 -0.94 -5.23 -16.37
CA GLU A 191 -1.84 -6.00 -17.25
C GLU A 191 -2.48 -7.18 -16.52
N SER A 192 -1.68 -7.95 -15.79
CA SER A 192 -2.14 -9.16 -15.12
C SER A 192 -2.58 -8.88 -13.70
N LEU A 193 -3.65 -9.56 -13.26
CA LEU A 193 -4.08 -9.54 -11.87
C LEU A 193 -3.67 -10.79 -11.09
N ASP A 194 -2.71 -11.57 -11.58
CA ASP A 194 -2.17 -12.66 -10.76
C ASP A 194 -1.65 -12.09 -9.43
N TYR A 195 -1.89 -12.80 -8.32
CA TYR A 195 -1.57 -12.24 -7.00
C TYR A 195 -1.22 -13.32 -5.98
N TRP A 196 -0.59 -12.86 -4.90
CA TRP A 196 -0.43 -13.60 -3.65
C TRP A 196 -1.30 -12.95 -2.58
N THR A 197 -1.79 -13.74 -1.62
CA THR A 197 -2.62 -13.21 -0.55
C THR A 197 -2.29 -13.87 0.79
N TYR A 198 -2.40 -13.07 1.87
CA TYR A 198 -2.18 -13.55 3.22
C TYR A 198 -2.84 -12.57 4.19
N PRO A 199 -3.12 -13.00 5.45
CA PRO A 199 -3.68 -12.09 6.46
C PRO A 199 -2.59 -11.31 7.19
N GLY A 200 -2.74 -10.00 7.31
CA GLY A 200 -1.74 -9.16 7.94
C GLY A 200 -2.30 -7.92 8.61
N SER A 201 -1.51 -6.85 8.55
CA SER A 201 -1.74 -5.64 9.33
C SER A 201 -1.52 -4.39 8.49
N LEU A 202 -1.89 -3.25 9.07
CA LEU A 202 -1.38 -1.97 8.59
C LEU A 202 0.14 -1.99 8.75
N THR A 203 0.85 -1.33 7.81
CA THR A 203 2.31 -1.27 7.87
C THR A 203 2.83 -0.01 8.55
N THR A 204 1.96 0.88 8.99
CA THR A 204 2.31 2.04 9.79
C THR A 204 1.52 1.99 11.09
N PRO A 205 1.99 2.63 12.15
CA PRO A 205 1.15 2.83 13.33
C PRO A 205 -0.23 3.32 12.90
N PRO A 206 -1.32 2.77 13.49
CA PRO A 206 -1.36 1.89 14.67
C PRO A 206 -1.15 0.39 14.45
N LEU A 207 -0.76 -0.05 13.25
CA LEU A 207 -0.29 -1.43 13.03
C LEU A 207 -1.38 -2.47 13.27
N LEU A 208 -2.63 -2.08 13.07
CA LEU A 208 -3.77 -2.92 13.43
C LEU A 208 -3.89 -4.14 12.51
N GLU A 209 -4.25 -5.28 13.09
CA GLU A 209 -4.22 -6.58 12.41
C GLU A 209 -5.59 -6.87 11.78
N CYS A 210 -5.93 -6.06 10.75
N CYS A 210 -5.95 -6.06 10.77
CA CYS A 210 -7.26 -6.05 10.17
CA CYS A 210 -7.27 -6.11 10.16
C CYS A 210 -7.26 -6.30 8.66
C CYS A 210 -7.23 -6.16 8.64
N VAL A 211 -6.12 -6.59 8.06
CA VAL A 211 -5.93 -6.49 6.61
C VAL A 211 -5.84 -7.86 5.95
N THR A 212 -6.63 -8.06 4.89
CA THR A 212 -6.36 -9.09 3.89
C THR A 212 -5.49 -8.44 2.81
N TRP A 213 -4.24 -8.89 2.69
CA TRP A 213 -3.31 -8.38 1.71
C TRP A 213 -3.47 -9.14 0.40
N ILE A 214 -3.51 -8.39 -0.71
CA ILE A 214 -3.54 -8.92 -2.08
C ILE A 214 -2.41 -8.22 -2.82
N VAL A 215 -1.32 -8.93 -3.09
CA VAL A 215 -0.10 -8.35 -3.66
C VAL A 215 0.05 -8.88 -5.09
N LEU A 216 -0.01 -7.98 -6.07
CA LEU A 216 0.09 -8.40 -7.47
C LEU A 216 1.50 -8.86 -7.80
N LYS A 217 1.60 -9.93 -8.60
CA LYS A 217 2.89 -10.46 -9.02
C LYS A 217 3.59 -9.58 -10.05
N GLU A 218 2.85 -8.98 -10.97
N GLU A 218 2.83 -8.97 -10.97
CA GLU A 218 3.48 -8.19 -12.04
CA GLU A 218 3.41 -8.18 -12.06
C GLU A 218 3.72 -6.76 -11.56
C GLU A 218 3.66 -6.75 -11.58
N PRO A 219 4.96 -6.27 -11.56
N PRO A 219 4.91 -6.28 -11.55
CA PRO A 219 5.19 -4.86 -11.23
CA PRO A 219 5.16 -4.88 -11.19
C PRO A 219 4.69 -3.95 -12.35
C PRO A 219 4.87 -3.93 -12.36
N ILE A 220 4.50 -2.68 -12.02
CA ILE A 220 4.38 -1.63 -13.02
C ILE A 220 5.76 -0.99 -13.20
N SER A 221 6.01 -0.46 -14.38
CA SER A 221 7.23 0.28 -14.66
C SER A 221 6.94 1.77 -14.61
N VAL A 222 7.80 2.51 -13.91
CA VAL A 222 7.77 3.97 -13.85
C VAL A 222 9.15 4.47 -14.26
N SER A 223 9.23 5.72 -14.69
CA SER A 223 10.52 6.22 -15.11
C SER A 223 11.33 6.76 -13.92
N SER A 224 12.65 6.83 -14.11
N SER A 224 12.65 6.84 -14.12
CA SER A 224 13.51 7.42 -13.10
CA SER A 224 13.51 7.43 -13.10
C SER A 224 13.05 8.83 -12.76
C SER A 224 13.07 8.84 -12.76
N GLU A 225 12.65 9.61 -13.78
CA GLU A 225 12.20 10.98 -13.53
C GLU A 225 10.96 11.01 -12.65
N GLN A 226 10.05 10.05 -12.83
CA GLN A 226 8.84 9.99 -12.01
C GLN A 226 9.18 9.74 -10.54
N VAL A 227 9.98 8.71 -10.25
CA VAL A 227 10.30 8.42 -8.85
C VAL A 227 11.19 9.50 -8.23
N LEU A 228 12.04 10.15 -9.04
CA LEU A 228 12.85 11.24 -8.49
C LEU A 228 11.97 12.37 -7.95
N LYS A 229 10.80 12.58 -8.55
CA LYS A 229 9.89 13.62 -8.05
C LYS A 229 9.24 13.22 -6.73
N PHE A 230 8.97 11.93 -6.50
CA PHE A 230 8.53 11.49 -5.17
C PHE A 230 9.55 11.90 -4.11
N ARG A 231 10.84 11.77 -4.44
CA ARG A 231 11.93 11.98 -3.49
C ARG A 231 12.20 13.46 -3.20
N LYS A 232 11.50 14.38 -3.87
CA LYS A 232 11.60 15.81 -3.58
C LYS A 232 10.57 16.27 -2.54
N LEU A 233 9.61 15.43 -2.18
CA LEU A 233 8.68 15.76 -1.11
C LEU A 233 9.44 15.91 0.22
N ASN A 234 8.75 16.48 1.20
CA ASN A 234 9.32 16.72 2.53
C ASN A 234 8.45 16.07 3.61
N PHE A 235 9.12 15.46 4.60
CA PHE A 235 8.45 14.98 5.80
C PHE A 235 8.00 16.14 6.69
N ASN A 236 8.77 17.22 6.71
CA ASN A 236 8.56 18.36 7.59
C ASN A 236 7.48 19.30 7.07
N GLY A 237 7.01 20.16 7.98
CA GLY A 237 6.08 21.21 7.61
C GLY A 237 6.78 22.46 7.07
N GLU A 238 5.97 23.35 6.50
CA GLU A 238 6.48 24.61 5.98
C GLU A 238 7.18 25.40 7.08
N GLY A 239 8.28 26.02 6.72
CA GLY A 239 9.03 26.83 7.67
C GLY A 239 9.92 26.05 8.62
N GLU A 240 10.01 24.73 8.46
CA GLU A 240 10.84 23.88 9.28
C GLU A 240 12.03 23.34 8.49
N PRO A 241 13.05 22.82 9.16
CA PRO A 241 14.23 22.31 8.44
C PRO A 241 13.85 21.16 7.52
N GLU A 242 14.43 21.19 6.31
CA GLU A 242 14.01 20.26 5.28
C GLU A 242 14.52 18.85 5.54
N GLU A 243 13.60 17.89 5.51
CA GLU A 243 13.90 16.47 5.62
C GLU A 243 13.23 15.80 4.43
N LEU A 244 14.01 15.30 3.49
CA LEU A 244 13.44 14.71 2.30
C LEU A 244 12.61 13.47 2.66
N MET A 245 11.45 13.35 2.04
CA MET A 245 10.55 12.22 2.21
C MET A 245 11.05 11.08 1.32
N VAL A 246 11.92 10.23 1.93
CA VAL A 246 12.48 9.05 1.30
C VAL A 246 12.57 7.95 2.36
N ASP A 247 12.59 6.70 1.89
CA ASP A 247 12.73 5.53 2.76
C ASP A 247 11.60 5.45 3.79
N ASN A 248 10.38 5.69 3.32
CA ASN A 248 9.18 5.60 4.16
C ASN A 248 8.53 4.22 4.07
N TRP A 249 9.36 3.18 4.25
CA TRP A 249 8.94 1.78 4.20
C TRP A 249 9.32 1.05 5.47
N ARG A 250 8.47 0.14 5.91
CA ARG A 250 8.76 -0.78 7.00
C ARG A 250 9.38 -2.05 6.44
N PRO A 251 10.41 -2.61 7.06
N PRO A 251 10.43 -2.60 7.07
CA PRO A 251 10.97 -3.88 6.56
CA PRO A 251 10.99 -3.87 6.60
C PRO A 251 10.07 -5.07 6.86
C PRO A 251 10.05 -5.06 6.85
N ALA A 252 10.38 -6.17 6.20
CA ALA A 252 9.62 -7.42 6.36
C ALA A 252 9.64 -7.90 7.81
N GLN A 253 8.49 -8.41 8.25
CA GLN A 253 8.24 -8.91 9.59
C GLN A 253 8.07 -10.42 9.60
N PRO A 254 8.19 -11.06 10.78
CA PRO A 254 8.11 -12.52 10.81
C PRO A 254 6.77 -13.08 10.34
N LEU A 255 6.83 -14.14 9.54
CA LEU A 255 5.62 -14.74 8.99
C LEU A 255 4.79 -15.46 10.06
N LYS A 256 5.46 -16.03 11.06
N LYS A 256 5.44 -16.01 11.08
CA LYS A 256 4.79 -16.78 12.13
CA LYS A 256 4.74 -16.56 12.26
C LYS A 256 3.87 -17.83 11.55
C LYS A 256 3.71 -17.63 11.88
N ASN A 257 2.67 -17.99 12.12
N ASN A 257 4.09 -18.53 10.98
CA ASN A 257 1.76 -19.08 11.76
CA ASN A 257 3.28 -19.70 10.63
C ASN A 257 0.82 -18.66 10.62
C ASN A 257 2.03 -19.34 9.81
N ARG A 258 1.44 -18.36 9.47
N ARG A 258 1.99 -18.16 9.21
CA ARG A 258 0.72 -17.94 8.28
CA ARG A 258 0.95 -17.85 8.24
C ARG A 258 1.24 -18.69 7.06
C ARG A 258 1.36 -18.41 6.88
N GLN A 259 0.38 -18.74 6.05
CA GLN A 259 0.67 -19.27 4.73
C GLN A 259 0.29 -18.23 3.69
N ILE A 260 1.13 -18.08 2.69
CA ILE A 260 0.84 -17.23 1.54
C ILE A 260 0.26 -18.09 0.43
N LYS A 261 -0.87 -17.67 -0.12
CA LYS A 261 -1.54 -18.41 -1.18
C LYS A 261 -1.40 -17.65 -2.49
N ALA A 262 -1.29 -18.41 -3.59
CA ALA A 262 -1.18 -17.86 -4.93
C ALA A 262 -2.47 -18.08 -5.72
N SER A 263 -2.82 -17.09 -6.55
CA SER A 263 -4.01 -17.17 -7.38
C SER A 263 -3.78 -17.94 -8.67
N PHE A 264 -2.53 -18.28 -8.96
CA PHE A 264 -2.09 -18.79 -10.25
C PHE A 264 -1.35 -20.10 -10.03
N LYS A 265 -1.52 -21.02 -10.98
CA LYS A 265 -0.96 -22.37 -10.90
C LYS A 265 0.53 -22.34 -11.22
ZN ZN B . 1.00 1.58 2.74
HG HG C . -8.29 -4.68 13.16
C1 BE7 D . -9.61 -10.97 17.41
C2 BE7 D . -9.33 -9.81 16.51
C3 BE7 D . -10.14 -8.69 16.59
C4 BE7 D . -9.90 -7.62 15.77
C5 BE7 D . -8.86 -7.69 14.87
C6 BE7 D . -8.03 -8.79 14.77
O9 BE7 D . -8.91 -11.99 17.28
O8 BE7 D . -10.53 -10.87 18.24
C7 BE7 D . -8.27 -9.87 15.60
HG BE7 D . -8.41 -5.97 13.51
C2 BGC E . -2.66 -26.26 3.61
C3 BGC E . -3.66 -27.00 2.72
C4 BGC E . -3.51 -28.51 2.88
C5 BGC E . -3.58 -28.90 4.36
C6 BGC E . -3.37 -30.37 4.64
C1 BGC E . -2.71 -26.78 5.04
O1 BGC E . -1.67 -26.21 5.79
O2 BGC E . -2.99 -24.87 3.61
O3 BGC E . -3.51 -26.59 1.37
O4 BGC E . -4.57 -29.17 2.17
O5 BGC E . -2.55 -28.20 5.07
O6 BGC E . -3.69 -30.69 5.99
C2 BGC F . -15.29 7.91 -14.63
C3 BGC F . -14.13 7.44 -15.49
C4 BGC F . -13.01 8.48 -15.44
C5 BGC F . -12.63 8.79 -14.00
C6 BGC F . -11.65 9.95 -13.90
C1 BGC F . -14.80 8.16 -13.21
O1 BGC F . -15.86 8.54 -12.40
O2 BGC F . -16.36 6.97 -14.64
O3 BGC F . -14.57 7.23 -16.83
O4 BGC F . -11.86 8.00 -16.14
O5 BGC F . -13.79 9.16 -13.23
O6 BGC F . -12.20 11.12 -14.49
C1 GLC G . -4.41 17.24 -13.28
C2 GLC G . -5.55 18.16 -13.70
C3 GLC G . -6.53 18.35 -12.56
C4 GLC G . -6.98 17.01 -11.99
C5 GLC G . -5.77 16.13 -11.66
C6 GLC G . -6.16 14.73 -11.23
O1 GLC G . -3.68 17.87 -12.26
O2 GLC G . -5.02 19.40 -14.12
O3 GLC G . -7.67 19.08 -12.99
O4 GLC G . -7.72 17.23 -10.80
O5 GLC G . -4.94 16.00 -12.82
O6 GLC G . -7.03 14.11 -12.16
C4 L9B H . -4.49 4.34 7.86
C5 L9B H . -4.94 3.84 9.24
C6 L9B H . -5.80 4.81 10.03
C7 L9B H . -6.22 4.17 11.36
C8 L9B H . -2.35 3.05 7.51
C9 L9B H . -1.54 2.17 6.79
N L9B H . 0.43 1.10 4.54
C L9B H . -2.04 1.58 5.64
O L9B H . -0.92 -0.74 5.51
C1 L9B H . -3.33 1.85 5.22
C2 L9B H . -4.12 2.73 5.95
C3 L9B H . -3.64 3.34 7.10
O1 L9B H . -1.65 0.33 3.42
O2 L9B H . -7.23 4.92 12.00
S L9B H . -1.02 0.45 4.72
C4 L9B I . 10.38 10.43 20.72
C5 L9B I . 9.76 11.78 20.37
C8 L9B I . 10.20 8.24 19.49
C9 L9B I . 9.48 7.19 18.96
N L9B I . 7.18 4.65 19.62
C L9B I . 8.11 7.16 19.14
O L9B I . 5.83 6.24 18.34
C1 L9B I . 7.47 8.16 19.84
C2 L9B I . 8.21 9.21 20.36
C3 L9B I . 9.58 9.27 20.19
O1 L9B I . 7.90 5.30 17.36
S L9B I . 7.18 5.79 18.50
#